data_7U1U
#
_entry.id   7U1U
#
_cell.length_a   177.953
_cell.length_b   177.953
_cell.length_c   184.727
_cell.angle_alpha   90.000
_cell.angle_beta   90.000
_cell.angle_gamma   120.000
#
_symmetry.space_group_name_H-M   'P 64 2 2'
#
loop_
_entity.id
_entity.type
_entity.pdbx_description
1 polymer 'Acetolactate synthase, chloroplastic'
2 non-polymer 'MAGNESIUM ION'
3 non-polymer 'FLAVIN-ADENINE DINUCLEOTIDE'
4 non-polymer 'THIAMINE DIPHOSPHATE'
5 non-polymer '2-[N-CYCLOHEXYLAMINO]ETHANE SULFONIC ACID'
6 non-polymer 'SULFATE ION'
#
_entity_poly.entity_id   1
_entity_poly.type   'polypeptide(L)'
_entity_poly.pdbx_seq_one_letter_code
;TFISRFAPDQPRKGADILVEALERQGVETVFAYPGGASMEIHQALTRSSSIRNVLPRHEQGGVFAAEGYARSSGKPGICI
ATSGPGATNLVSGLADALLDSVPLVAITGQVPRRMIGTDAFQETPIVEVTRSITKHNYLVMDVEDIPRIIEEAFFLATSG
RPGPVLVDVPKDIQQQLAIPNWEQAMRLPGYMSRMPKPPEDSHLEQIVRLISESKKPVLYVGGGCLNSSDELGRFVELTG
IPVASTLMGLGSYP(CSD)DDELSLHMLGMHGTVYANYAVEHSDLLLAFGVRFDDRVTGKLEAFASRAKIVHIDIDSAEI
GKNKTPHVSVCGDVKLALQGMNKVLENRAEELKLDFGVWRNELNVQKQKFPLSFKTFGEAIPPQYAIKVLDELTDGKAII
STGVGQHQMWAAQFYNYKKPRQWLSSGGLGAMGFGLPAAIGASVANPDAIVVDIDGDGSFIMNVQELATIRVENLPVKVL
LLNNQHLGMVMQLEDRFYKANRAHTFLGDPAQEDEIFPNMLLFAAACGIPAARVTKKADLREAIQTMLDTPGPYLLDVIC
PHQEHVLPMIPSGGTFNDVITEGDGRLEHHHHHH
;
_entity_poly.pdbx_strand_id   A
#
# COMPACT_ATOMS: atom_id res chain seq x y z
N THR A 1 13.95 1.18 -29.68
CA THR A 1 14.67 2.32 -30.25
C THR A 1 14.02 3.63 -29.84
N PHE A 2 14.60 4.27 -28.83
CA PHE A 2 14.04 5.51 -28.29
C PHE A 2 14.32 6.68 -29.25
N ILE A 3 13.37 7.62 -29.27
CA ILE A 3 13.46 8.80 -30.13
C ILE A 3 13.61 10.01 -29.22
N SER A 4 14.81 10.61 -29.23
CA SER A 4 15.07 11.77 -28.40
C SER A 4 14.62 13.05 -29.11
N ARG A 5 14.37 14.09 -28.29
CA ARG A 5 14.04 15.41 -28.80
C ARG A 5 15.28 16.27 -29.03
N PHE A 6 16.47 15.67 -28.96
CA PHE A 6 17.72 16.40 -29.12
C PHE A 6 18.66 15.60 -30.01
N ALA A 7 19.52 16.32 -30.73
CA ALA A 7 20.53 15.67 -31.54
C ALA A 7 21.57 14.98 -30.65
N PRO A 8 22.13 13.86 -31.11
CA PRO A 8 23.13 13.16 -30.28
C PRO A 8 24.42 13.94 -30.06
N ASP A 9 24.66 15.01 -30.83
CA ASP A 9 25.83 15.86 -30.66
C ASP A 9 25.46 17.25 -30.16
N GLN A 10 24.23 17.43 -29.67
CA GLN A 10 23.75 18.74 -29.27
C GLN A 10 23.77 18.87 -27.76
N PRO A 11 24.43 19.88 -27.21
CA PRO A 11 24.39 20.07 -25.75
C PRO A 11 23.01 20.50 -25.30
N ARG A 12 22.59 19.99 -24.14
CA ARG A 12 21.29 20.30 -23.57
C ARG A 12 21.44 20.53 -22.08
N LYS A 13 20.43 21.19 -21.49
CA LYS A 13 20.45 21.45 -20.06
C LYS A 13 20.44 20.15 -19.27
N GLY A 14 20.92 20.23 -18.04
CA GLY A 14 20.88 19.07 -17.16
C GLY A 14 19.46 18.63 -16.86
N ALA A 15 18.54 19.58 -16.72
CA ALA A 15 17.14 19.25 -16.49
C ALA A 15 16.53 18.54 -17.70
N ASP A 16 16.99 18.88 -18.91
CA ASP A 16 16.54 18.16 -20.09
C ASP A 16 17.06 16.74 -20.12
N ILE A 17 18.28 16.53 -19.61
CA ILE A 17 18.81 15.17 -19.48
C ILE A 17 18.01 14.38 -18.45
N LEU A 18 17.58 15.05 -17.37
CA LEU A 18 16.82 14.39 -16.33
C LEU A 18 15.45 13.94 -16.83
N VAL A 19 14.75 14.82 -17.55
CA VAL A 19 13.43 14.48 -18.08
C VAL A 19 13.55 13.37 -19.12
N GLU A 20 14.55 13.47 -20.00
CA GLU A 20 14.77 12.42 -20.99
C GLU A 20 15.14 11.11 -20.32
N ALA A 21 15.88 11.17 -19.20
CA ALA A 21 16.17 9.96 -18.45
C ALA A 21 14.90 9.31 -17.91
N LEU A 22 13.90 10.12 -17.56
CA LEU A 22 12.62 9.57 -17.14
C LEU A 22 11.86 9.00 -18.34
N GLU A 23 11.90 9.69 -19.47
CA GLU A 23 11.24 9.19 -20.67
C GLU A 23 11.81 7.83 -21.09
N ARG A 24 13.13 7.67 -20.97
CA ARG A 24 13.76 6.41 -21.33
C ARG A 24 13.43 5.29 -20.35
N GLN A 25 12.94 5.63 -19.16
CA GLN A 25 12.48 4.64 -18.19
C GLN A 25 11.00 4.29 -18.37
N GLY A 26 10.35 4.85 -19.38
CA GLY A 26 8.94 4.59 -19.60
C GLY A 26 8.00 5.38 -18.74
N VAL A 27 8.46 6.48 -18.14
CA VAL A 27 7.63 7.25 -17.23
C VAL A 27 6.58 8.01 -18.02
N GLU A 28 5.31 7.82 -17.65
CA GLU A 28 4.21 8.52 -18.29
C GLU A 28 3.57 9.58 -17.41
N THR A 29 3.72 9.48 -16.09
CA THR A 29 3.09 10.42 -15.17
C THR A 29 4.02 10.72 -14.01
N VAL A 30 4.14 12.00 -13.67
CA VAL A 30 4.89 12.44 -12.50
C VAL A 30 3.99 13.33 -11.66
N PHE A 31 4.34 13.47 -10.39
CA PHE A 31 3.59 14.29 -9.43
C PHE A 31 4.55 15.34 -8.87
N ALA A 32 4.64 16.47 -9.54
CA ALA A 32 5.65 17.48 -9.28
C ALA A 32 5.03 18.78 -8.78
N TYR A 33 5.63 19.35 -7.74
CA TYR A 33 5.23 20.65 -7.20
C TYR A 33 6.41 21.61 -7.37
N PRO A 34 6.24 22.73 -8.06
CA PRO A 34 7.39 23.55 -8.44
C PRO A 34 7.93 24.39 -7.28
N GLY A 35 9.18 24.79 -7.46
CA GLY A 35 9.86 25.66 -6.51
C GLY A 35 11.13 26.18 -7.15
N GLY A 36 11.78 27.10 -6.43
CA GLY A 36 12.96 27.75 -6.97
C GLY A 36 14.06 26.79 -7.35
N ALA A 37 14.24 25.72 -6.55
CA ALA A 37 15.32 24.78 -6.78
C ALA A 37 15.02 23.79 -7.90
N SER A 38 13.75 23.61 -8.26
CA SER A 38 13.36 22.64 -9.28
C SER A 38 12.67 23.29 -10.47
N MET A 39 12.77 24.62 -10.59
CA MET A 39 12.11 25.30 -11.70
C MET A 39 12.69 24.89 -13.04
N GLU A 40 14.00 24.60 -13.09
CA GLU A 40 14.60 24.14 -14.34
C GLU A 40 14.03 22.79 -14.76
N ILE A 41 13.78 21.92 -13.77
CA ILE A 41 13.16 20.62 -14.07
C ILE A 41 11.73 20.82 -14.57
N HIS A 42 10.96 21.65 -13.86
CA HIS A 42 9.59 21.94 -14.28
C HIS A 42 9.55 22.59 -15.66
N GLN A 43 10.56 23.38 -16.00
CA GLN A 43 10.63 23.95 -17.35
C GLN A 43 10.85 22.87 -18.39
N ALA A 44 11.82 21.98 -18.15
CA ALA A 44 12.08 20.88 -19.05
C ALA A 44 10.95 19.86 -19.06
N LEU A 45 10.12 19.85 -18.02
CA LEU A 45 8.97 18.93 -18.00
C LEU A 45 7.92 19.34 -19.01
N THR A 46 7.75 20.64 -19.26
CA THR A 46 6.79 21.10 -20.25
C THR A 46 7.25 20.80 -21.67
N ARG A 47 8.55 20.65 -21.89
CA ARG A 47 9.07 20.31 -23.21
C ARG A 47 8.91 18.85 -23.57
N SER A 48 8.43 18.02 -22.64
CA SER A 48 8.19 16.61 -22.90
C SER A 48 6.76 16.40 -23.36
N SER A 49 6.60 15.65 -24.44
CA SER A 49 5.29 15.35 -24.99
C SER A 49 4.75 13.99 -24.54
N SER A 50 5.45 13.32 -23.63
CA SER A 50 5.03 12.01 -23.15
C SER A 50 4.88 11.92 -21.64
N ILE A 51 5.36 12.88 -20.88
CA ILE A 51 5.29 12.86 -19.42
C ILE A 51 4.23 13.86 -18.99
N ARG A 52 3.13 13.35 -18.42
CA ARG A 52 2.08 14.18 -17.85
C ARG A 52 2.39 14.44 -16.39
N ASN A 53 2.20 15.70 -15.98
CA ASN A 53 2.41 16.09 -14.59
C ASN A 53 1.08 16.37 -13.91
N VAL A 54 0.86 15.71 -12.79
CA VAL A 54 -0.30 15.97 -11.94
C VAL A 54 0.18 16.89 -10.82
N LEU A 55 -0.21 18.15 -10.88
CA LEU A 55 0.19 19.13 -9.87
C LEU A 55 -0.66 18.96 -8.62
N PRO A 56 -0.08 18.52 -7.51
CA PRO A 56 -0.84 18.41 -6.26
C PRO A 56 -0.90 19.76 -5.56
N ARG A 57 -1.62 19.79 -4.43
CA ARG A 57 -1.68 20.98 -3.61
C ARG A 57 -0.83 20.85 -2.35
N HIS A 58 -0.07 19.77 -2.22
CA HIS A 58 0.82 19.53 -1.09
C HIS A 58 1.74 18.40 -1.49
N GLU A 59 3.04 18.57 -1.20
CA GLU A 59 4.01 17.56 -1.62
C GLU A 59 3.76 16.21 -0.94
N GLN A 60 3.22 16.22 0.28
CA GLN A 60 2.79 14.97 0.89
C GLN A 60 1.70 14.30 0.05
N GLY A 61 0.83 15.10 -0.56
CA GLY A 61 -0.11 14.56 -1.51
C GLY A 61 0.54 14.11 -2.79
N GLY A 62 1.63 14.77 -3.19
CA GLY A 62 2.33 14.36 -4.40
C GLY A 62 2.98 12.99 -4.25
N VAL A 63 3.63 12.73 -3.11
CA VAL A 63 4.29 11.45 -2.92
C VAL A 63 3.28 10.35 -2.66
N PHE A 64 2.20 10.67 -1.93
CA PHE A 64 1.13 9.68 -1.73
C PHE A 64 0.44 9.34 -3.05
N ALA A 65 0.30 10.32 -3.93
CA ALA A 65 -0.24 10.04 -5.26
C ALA A 65 0.70 9.14 -6.05
N ALA A 66 2.01 9.35 -5.90
CA ALA A 66 2.98 8.46 -6.55
C ALA A 66 2.89 7.05 -5.99
N GLU A 67 2.52 6.91 -4.71
CA GLU A 67 2.35 5.59 -4.14
C GLU A 67 1.13 4.89 -4.72
N GLY A 68 -0.03 5.56 -4.71
CA GLY A 68 -1.22 4.97 -5.31
C GLY A 68 -1.03 4.67 -6.78
N TYR A 69 -0.32 5.55 -7.50
CA TYR A 69 0.06 5.26 -8.87
C TYR A 69 0.87 3.98 -8.96
N ALA A 70 1.83 3.81 -8.05
CA ALA A 70 2.67 2.62 -8.06
C ALA A 70 1.89 1.41 -7.55
N ARG A 71 1.21 1.55 -6.41
CA ARG A 71 0.55 0.41 -5.78
C ARG A 71 -0.52 -0.20 -6.68
N SER A 72 -1.14 0.60 -7.53
CA SER A 72 -2.26 0.16 -8.34
C SER A 72 -1.86 -0.22 -9.76
N SER A 73 -0.57 -0.48 -10.01
CA SER A 73 -0.13 -0.74 -11.36
C SER A 73 1.17 -1.53 -11.42
N GLY A 74 1.92 -1.56 -10.31
CA GLY A 74 3.22 -2.18 -10.29
C GLY A 74 4.33 -1.35 -10.89
N LYS A 75 4.00 -0.31 -11.65
CA LYS A 75 5.00 0.60 -12.17
C LYS A 75 5.59 1.43 -11.02
N PRO A 76 6.78 1.98 -11.21
CA PRO A 76 7.32 2.88 -10.18
C PRO A 76 6.61 4.22 -10.20
N GLY A 77 6.39 4.78 -9.00
CA GLY A 77 5.76 6.08 -8.86
C GLY A 77 6.83 7.15 -8.69
N ILE A 78 6.67 8.24 -9.46
CA ILE A 78 7.67 9.30 -9.52
C ILE A 78 7.02 10.60 -9.03
N CYS A 79 7.56 11.14 -7.94
CA CYS A 79 7.14 12.44 -7.43
C CYS A 79 8.36 13.37 -7.42
N ILE A 80 8.12 14.65 -7.70
CA ILE A 80 9.17 15.65 -7.77
C ILE A 80 8.79 16.81 -6.86
N ALA A 81 9.79 17.35 -6.16
CA ALA A 81 9.58 18.49 -5.27
C ALA A 81 10.79 19.41 -5.34
N THR A 82 10.67 20.56 -4.69
CA THR A 82 11.76 21.52 -4.60
C THR A 82 12.53 21.30 -3.30
N SER A 83 13.57 22.11 -3.09
CA SER A 83 14.42 21.97 -1.93
C SER A 83 13.68 22.43 -0.67
N GLY A 84 14.33 22.20 0.48
CA GLY A 84 13.84 22.69 1.75
C GLY A 84 12.49 22.15 2.13
N PRO A 85 11.49 23.05 2.21
CA PRO A 85 10.17 22.62 2.66
C PRO A 85 9.46 21.68 1.69
N GLY A 86 9.77 21.77 0.39
CA GLY A 86 9.20 20.83 -0.55
C GLY A 86 9.69 19.42 -0.33
N ALA A 87 10.98 19.28 0.01
CA ALA A 87 11.52 17.94 0.24
C ALA A 87 11.07 17.37 1.59
N THR A 88 11.04 18.22 2.63
CA THR A 88 10.61 17.74 3.95
C THR A 88 9.16 17.29 3.95
N ASN A 89 8.34 17.77 3.01
CA ASN A 89 6.96 17.33 2.90
C ASN A 89 6.84 15.95 2.26
N LEU A 90 7.92 15.42 1.68
CA LEU A 90 7.93 14.07 1.12
C LEU A 90 8.31 13.01 2.14
N VAL A 91 8.72 13.41 3.35
CA VAL A 91 9.31 12.49 4.31
C VAL A 91 8.32 11.40 4.68
N SER A 92 7.06 11.77 4.96
CA SER A 92 6.06 10.77 5.34
C SER A 92 5.84 9.76 4.24
N GLY A 93 5.87 10.20 2.98
CA GLY A 93 5.65 9.28 1.87
C GLY A 93 6.83 8.35 1.65
N LEU A 94 8.05 8.86 1.84
CA LEU A 94 9.23 8.03 1.66
C LEU A 94 9.30 6.92 2.71
N ALA A 95 9.10 7.28 3.98
CA ALA A 95 9.04 6.26 5.03
C ALA A 95 7.88 5.31 4.81
N ASP A 96 6.77 5.81 4.25
CA ASP A 96 5.64 4.94 3.94
C ASP A 96 5.98 3.97 2.82
N ALA A 97 6.61 4.47 1.75
CA ALA A 97 6.98 3.61 0.63
C ALA A 97 8.03 2.58 1.03
N LEU A 98 8.83 2.88 2.06
CA LEU A 98 9.85 1.94 2.50
C LEU A 98 9.24 0.77 3.26
N LEU A 99 8.40 1.08 4.26
CA LEU A 99 7.86 0.02 5.11
C LEU A 99 6.91 -0.89 4.35
N ASP A 100 6.24 -0.38 3.33
CA ASP A 100 5.32 -1.19 2.52
C ASP A 100 5.98 -1.69 1.24
N SER A 101 7.26 -1.37 1.01
CA SER A 101 8.02 -1.88 -0.13
C SER A 101 7.36 -1.49 -1.45
N VAL A 102 7.11 -0.20 -1.63
CA VAL A 102 6.45 0.34 -2.81
C VAL A 102 7.51 0.93 -3.73
N PRO A 103 7.56 0.53 -5.00
CA PRO A 103 8.54 1.11 -5.94
C PRO A 103 8.25 2.59 -6.16
N LEU A 104 9.20 3.43 -5.77
CA LEU A 104 9.00 4.87 -5.83
C LEU A 104 10.33 5.56 -6.08
N VAL A 105 10.30 6.64 -6.86
CA VAL A 105 11.50 7.43 -7.16
C VAL A 105 11.15 8.89 -6.92
N ALA A 106 11.83 9.51 -5.97
CA ALA A 106 11.59 10.91 -5.61
C ALA A 106 12.77 11.76 -6.09
N ILE A 107 12.46 12.85 -6.78
CA ILE A 107 13.46 13.79 -7.28
C ILE A 107 13.23 15.12 -6.59
N THR A 108 14.21 15.58 -5.82
CA THR A 108 14.13 16.86 -5.13
C THR A 108 15.18 17.80 -5.67
N GLY A 109 14.80 19.07 -5.84
CA GLY A 109 15.76 20.10 -6.16
C GLY A 109 16.64 20.43 -4.96
N GLN A 110 17.73 21.13 -5.24
CA GLN A 110 18.68 21.47 -4.19
C GLN A 110 19.45 22.71 -4.62
N VAL A 111 19.99 23.41 -3.61
CA VAL A 111 20.82 24.60 -3.82
C VAL A 111 22.01 24.21 -4.69
N PRO A 112 22.68 25.17 -5.35
CA PRO A 112 23.86 24.82 -6.14
C PRO A 112 24.92 24.12 -5.30
N ARG A 113 25.75 23.33 -5.98
CA ARG A 113 26.75 22.53 -5.28
C ARG A 113 27.67 23.38 -4.42
N ARG A 114 27.98 24.59 -4.86
CA ARG A 114 28.88 25.48 -4.15
C ARG A 114 28.30 25.98 -2.82
N MET A 115 27.04 25.66 -2.51
CA MET A 115 26.37 26.20 -1.33
C MET A 115 25.89 25.13 -0.37
N ILE A 116 26.24 23.87 -0.59
CA ILE A 116 25.76 22.78 0.25
C ILE A 116 26.53 22.78 1.55
N GLY A 117 25.83 22.98 2.66
CA GLY A 117 26.42 22.97 3.99
C GLY A 117 26.41 24.31 4.70
N THR A 118 26.03 25.38 4.02
CA THR A 118 26.05 26.72 4.59
C THR A 118 24.74 27.12 5.26
N ASP A 119 23.83 26.16 5.46
CA ASP A 119 22.48 26.45 5.95
C ASP A 119 21.84 27.56 5.13
N ALA A 120 21.92 27.41 3.81
CA ALA A 120 21.51 28.45 2.88
C ALA A 120 19.99 28.55 2.83
N PHE A 121 19.50 29.30 1.85
CA PHE A 121 18.06 29.51 1.71
C PHE A 121 17.39 28.23 1.19
N GLN A 122 16.34 27.79 1.88
CA GLN A 122 15.63 26.55 1.56
C GLN A 122 16.60 25.37 1.47
N GLU A 123 17.65 25.39 2.29
CA GLU A 123 18.71 24.41 2.23
C GLU A 123 18.59 23.48 3.44
N THR A 124 18.21 22.23 3.19
CA THR A 124 18.23 21.18 4.19
C THR A 124 18.90 19.95 3.59
N PRO A 125 19.74 19.25 4.36
CA PRO A 125 20.38 18.04 3.84
C PRO A 125 19.41 16.89 3.69
N ILE A 126 18.64 16.89 2.60
CA ILE A 126 17.57 15.91 2.45
C ILE A 126 18.13 14.50 2.34
N VAL A 127 19.35 14.36 1.81
CA VAL A 127 19.96 13.04 1.70
C VAL A 127 20.27 12.47 3.09
N GLU A 128 20.82 13.31 3.98
CA GLU A 128 21.07 12.85 5.35
C GLU A 128 19.78 12.60 6.11
N VAL A 129 18.73 13.37 5.80
CA VAL A 129 17.45 13.20 6.51
C VAL A 129 16.77 11.91 6.09
N THR A 130 16.78 11.60 4.78
CA THR A 130 16.03 10.49 4.24
C THR A 130 16.85 9.22 4.08
N ARG A 131 18.04 9.15 4.71
CA ARG A 131 18.91 8.00 4.52
C ARG A 131 18.31 6.74 5.17
N SER A 132 17.65 6.89 6.32
CA SER A 132 17.09 5.77 7.03
C SER A 132 15.64 5.47 6.65
N ILE A 133 15.04 6.27 5.78
CA ILE A 133 13.67 6.06 5.33
C ILE A 133 13.59 5.88 3.82
N THR A 134 14.72 5.55 3.19
CA THR A 134 14.75 5.25 1.76
C THR A 134 15.60 4.00 1.54
N LYS A 135 15.24 3.24 0.51
CA LYS A 135 16.05 2.10 0.10
C LYS A 135 17.46 2.56 -0.27
N HIS A 136 17.56 3.72 -0.91
CA HIS A 136 18.82 4.34 -1.29
C HIS A 136 18.53 5.75 -1.73
N ASN A 137 19.54 6.61 -1.66
CA ASN A 137 19.41 7.97 -2.14
C ASN A 137 20.71 8.44 -2.77
N TYR A 138 20.63 9.51 -3.54
CA TYR A 138 21.76 10.03 -4.30
C TYR A 138 21.85 11.54 -4.12
N LEU A 139 23.04 12.06 -4.41
CA LEU A 139 23.26 13.51 -4.52
C LEU A 139 24.10 13.74 -5.77
N VAL A 140 23.47 14.26 -6.81
CA VAL A 140 24.15 14.46 -8.09
C VAL A 140 25.19 15.55 -7.94
N MET A 141 26.46 15.22 -8.18
CA MET A 141 27.54 16.17 -8.09
C MET A 141 28.11 16.56 -9.45
N ASP A 142 27.59 16.01 -10.54
CA ASP A 142 28.04 16.36 -11.87
C ASP A 142 26.92 16.02 -12.85
N VAL A 143 26.77 16.87 -13.88
CA VAL A 143 25.67 16.71 -14.83
C VAL A 143 25.82 15.41 -15.62
N GLU A 144 27.06 14.91 -15.77
CA GLU A 144 27.28 13.69 -16.53
C GLU A 144 26.86 12.43 -15.79
N ASP A 145 26.61 12.52 -14.48
CA ASP A 145 26.13 11.38 -13.71
C ASP A 145 24.61 11.23 -13.76
N ILE A 146 23.91 12.13 -14.44
CA ILE A 146 22.44 12.08 -14.45
C ILE A 146 21.90 10.81 -15.08
N PRO A 147 22.34 10.39 -16.28
CA PRO A 147 21.78 9.14 -16.84
C PRO A 147 22.07 7.92 -16.00
N ARG A 148 23.26 7.84 -15.40
CA ARG A 148 23.60 6.68 -14.60
C ARG A 148 22.82 6.63 -13.29
N ILE A 149 22.70 7.78 -12.62
CA ILE A 149 22.02 7.80 -11.33
C ILE A 149 20.53 7.53 -11.49
N ILE A 150 19.92 8.05 -12.55
CA ILE A 150 18.50 7.80 -12.79
C ILE A 150 18.25 6.34 -13.10
N GLU A 151 19.14 5.73 -13.90
CA GLU A 151 19.00 4.31 -14.20
C GLU A 151 19.19 3.46 -12.95
N GLU A 152 20.17 3.81 -12.12
CA GLU A 152 20.36 3.10 -10.86
C GLU A 152 19.17 3.30 -9.93
N ALA A 153 18.55 4.49 -9.96
CA ALA A 153 17.43 4.77 -9.08
C ALA A 153 16.22 3.89 -9.43
N PHE A 154 15.86 3.85 -10.71
CA PHE A 154 14.72 3.05 -11.12
C PHE A 154 14.98 1.56 -10.95
N PHE A 155 16.23 1.13 -11.18
CA PHE A 155 16.58 -0.27 -10.98
C PHE A 155 16.48 -0.64 -9.51
N LEU A 156 17.02 0.20 -8.62
CA LEU A 156 16.97 -0.09 -7.19
C LEU A 156 15.54 -0.04 -6.67
N ALA A 157 14.73 0.89 -7.18
CA ALA A 157 13.39 1.07 -6.65
C ALA A 157 12.46 -0.06 -7.06
N THR A 158 12.74 -0.74 -8.17
CA THR A 158 11.85 -1.77 -8.70
C THR A 158 12.34 -3.18 -8.49
N SER A 159 13.65 -3.41 -8.57
CA SER A 159 14.19 -4.75 -8.47
C SER A 159 14.28 -5.22 -7.03
N GLY A 160 14.29 -6.54 -6.86
CA GLY A 160 14.39 -7.12 -5.52
C GLY A 160 13.18 -6.75 -4.68
N ARG A 161 13.44 -6.39 -3.42
CA ARG A 161 12.40 -5.85 -2.57
C ARG A 161 12.25 -4.37 -2.90
N PRO A 162 11.14 -3.97 -3.52
CA PRO A 162 11.03 -2.58 -3.99
C PRO A 162 11.03 -1.59 -2.83
N GLY A 163 11.30 -0.33 -3.17
CA GLY A 163 11.34 0.73 -2.19
C GLY A 163 11.53 2.09 -2.81
N PRO A 164 11.58 3.13 -1.97
CA PRO A 164 11.79 4.49 -2.49
C PRO A 164 13.26 4.79 -2.69
N VAL A 165 13.55 5.56 -3.73
CA VAL A 165 14.90 6.02 -4.03
C VAL A 165 14.84 7.52 -4.31
N LEU A 166 15.57 8.31 -3.54
CA LEU A 166 15.58 9.75 -3.68
C LEU A 166 16.80 10.19 -4.49
N VAL A 167 16.61 11.19 -5.33
CA VAL A 167 17.67 11.74 -6.17
C VAL A 167 17.68 13.25 -5.95
N ASP A 168 18.65 13.73 -5.17
CA ASP A 168 18.79 15.16 -4.91
C ASP A 168 19.59 15.79 -6.04
N VAL A 169 19.00 16.78 -6.71
CA VAL A 169 19.63 17.41 -7.87
C VAL A 169 19.86 18.89 -7.60
N PRO A 170 21.10 19.33 -7.53
CA PRO A 170 21.37 20.77 -7.31
C PRO A 170 20.92 21.60 -8.50
N LYS A 171 20.69 22.90 -8.23
CA LYS A 171 20.16 23.79 -9.25
C LYS A 171 21.15 24.02 -10.37
N ASP A 172 22.44 24.18 -10.04
CA ASP A 172 23.44 24.45 -11.06
C ASP A 172 23.66 23.25 -11.97
N ILE A 173 23.40 22.04 -11.49
CA ILE A 173 23.49 20.85 -12.34
C ILE A 173 22.36 20.86 -13.35
N GLN A 174 21.17 21.31 -12.94
CA GLN A 174 20.05 21.41 -13.87
C GLN A 174 20.32 22.40 -14.99
N GLN A 175 21.15 23.41 -14.73
CA GLN A 175 21.45 24.44 -15.71
C GLN A 175 22.66 24.13 -16.56
N GLN A 176 23.55 23.25 -16.09
CA GLN A 176 24.78 22.97 -16.82
C GLN A 176 24.49 22.24 -18.13
N LEU A 177 25.07 22.72 -19.22
CA LEU A 177 24.89 22.10 -20.52
C LEU A 177 25.83 20.91 -20.66
N ALA A 178 25.35 19.85 -21.31
CA ALA A 178 26.14 18.64 -21.48
C ALA A 178 25.49 17.77 -22.57
N ILE A 179 26.24 16.77 -23.00
CA ILE A 179 25.76 15.74 -23.92
C ILE A 179 25.71 14.42 -23.15
N PRO A 180 24.54 13.90 -22.83
CA PRO A 180 24.46 12.73 -21.95
C PRO A 180 24.93 11.45 -22.64
N ASN A 181 25.49 10.55 -21.82
CA ASN A 181 25.90 9.22 -22.26
C ASN A 181 24.92 8.22 -21.68
N TRP A 182 24.06 7.67 -22.54
CA TRP A 182 23.01 6.75 -22.10
C TRP A 182 23.49 5.30 -22.04
N GLU A 183 24.76 5.03 -22.37
CA GLU A 183 25.27 3.68 -22.44
C GLU A 183 26.24 3.35 -21.30
N GLN A 184 26.37 4.22 -20.31
CA GLN A 184 27.26 3.94 -19.20
C GLN A 184 26.60 2.99 -18.21
N ALA A 185 27.38 2.00 -17.77
CA ALA A 185 26.85 0.95 -16.91
C ALA A 185 26.60 1.47 -15.49
N MET A 186 25.84 0.69 -14.73
CA MET A 186 25.47 1.06 -13.37
C MET A 186 26.51 0.57 -12.38
N ARG A 187 26.85 1.44 -11.42
CA ARG A 187 27.81 1.10 -10.36
C ARG A 187 27.07 0.48 -9.18
N LEU A 188 26.66 -0.77 -9.36
CA LEU A 188 25.98 -1.52 -8.30
C LEU A 188 26.53 -2.94 -8.24
N PRO A 189 27.82 -3.10 -7.98
CA PRO A 189 28.39 -4.47 -7.98
C PRO A 189 27.87 -5.35 -6.86
N GLY A 190 27.95 -4.89 -5.61
CA GLY A 190 27.53 -5.71 -4.49
C GLY A 190 26.03 -5.83 -4.32
N TYR A 191 25.26 -4.90 -4.91
CA TYR A 191 23.81 -5.08 -4.93
C TYR A 191 23.41 -6.23 -5.85
N MET A 192 23.92 -6.20 -7.09
CA MET A 192 23.56 -7.23 -8.06
C MET A 192 24.15 -8.59 -7.68
N SER A 193 25.32 -8.60 -7.03
CA SER A 193 25.90 -9.86 -6.57
C SER A 193 25.01 -10.53 -5.54
N ARG A 194 24.19 -9.76 -4.82
CA ARG A 194 23.30 -10.27 -3.81
C ARG A 194 21.87 -10.52 -4.32
N MET A 195 21.59 -10.18 -5.57
CA MET A 195 20.26 -10.44 -6.12
C MET A 195 20.00 -11.94 -6.14
N PRO A 196 18.88 -12.41 -5.59
CA PRO A 196 18.69 -13.85 -5.43
C PRO A 196 18.57 -14.56 -6.78
N LYS A 197 19.21 -15.72 -6.86
CA LYS A 197 19.11 -16.58 -8.03
C LYS A 197 17.80 -17.36 -7.99
N PRO A 198 17.34 -17.89 -9.12
CA PRO A 198 16.14 -18.73 -9.12
C PRO A 198 16.27 -19.88 -8.15
N PRO A 199 15.18 -20.27 -7.48
CA PRO A 199 15.29 -21.26 -6.40
C PRO A 199 15.68 -22.62 -6.93
N GLU A 200 16.52 -23.31 -6.16
CA GLU A 200 16.98 -24.64 -6.54
C GLU A 200 15.83 -25.65 -6.45
N ASP A 201 15.87 -26.64 -7.35
CA ASP A 201 14.85 -27.67 -7.35
C ASP A 201 14.91 -28.55 -6.11
N SER A 202 16.03 -28.55 -5.39
CA SER A 202 16.15 -29.34 -4.17
C SER A 202 15.28 -28.77 -3.06
N HIS A 203 15.33 -27.45 -2.87
CA HIS A 203 14.53 -26.80 -1.83
C HIS A 203 13.04 -27.00 -2.09
N LEU A 204 12.61 -26.82 -3.34
CA LEU A 204 11.18 -26.85 -3.65
C LEU A 204 10.58 -28.24 -3.41
N GLU A 205 11.36 -29.29 -3.64
CA GLU A 205 10.84 -30.64 -3.43
C GLU A 205 10.64 -30.93 -1.94
N GLN A 206 11.58 -30.50 -1.09
CA GLN A 206 11.42 -30.73 0.34
C GLN A 206 10.24 -29.96 0.90
N ILE A 207 9.92 -28.79 0.32
CA ILE A 207 8.71 -28.07 0.71
C ILE A 207 7.48 -28.86 0.29
N VAL A 208 7.43 -29.30 -0.96
CA VAL A 208 6.35 -30.18 -1.41
C VAL A 208 6.34 -31.46 -0.57
N ARG A 209 7.51 -31.96 -0.19
CA ARG A 209 7.59 -33.14 0.67
C ARG A 209 6.95 -32.87 2.02
N LEU A 210 7.23 -31.70 2.61
CA LEU A 210 6.65 -31.36 3.91
C LEU A 210 5.15 -31.12 3.82
N ILE A 211 4.63 -30.80 2.64
CA ILE A 211 3.20 -30.59 2.49
C ILE A 211 2.44 -31.91 2.62
N SER A 212 2.95 -32.96 1.98
CA SER A 212 2.29 -34.26 2.06
C SER A 212 2.41 -34.87 3.44
N GLU A 213 3.49 -34.58 4.16
CA GLU A 213 3.67 -35.08 5.52
C GLU A 213 2.86 -34.31 6.55
N SER A 214 2.40 -33.10 6.21
CA SER A 214 1.65 -32.28 7.14
C SER A 214 0.16 -32.60 7.05
N LYS A 215 -0.51 -32.49 8.20
CA LYS A 215 -1.94 -32.71 8.29
C LYS A 215 -2.76 -31.43 8.40
N LYS A 216 -2.17 -30.37 8.94
CA LYS A 216 -2.88 -29.10 9.18
C LYS A 216 -2.04 -27.94 8.66
N PRO A 217 -1.95 -27.79 7.34
CA PRO A 217 -1.16 -26.70 6.76
C PRO A 217 -1.98 -25.43 6.54
N VAL A 218 -1.28 -24.30 6.65
CA VAL A 218 -1.89 -22.98 6.49
C VAL A 218 -0.98 -22.13 5.61
N LEU A 219 -1.56 -21.43 4.65
CA LEU A 219 -0.83 -20.53 3.78
C LEU A 219 -0.83 -19.12 4.39
N TYR A 220 0.37 -18.56 4.56
CA TYR A 220 0.56 -17.24 5.16
C TYR A 220 1.04 -16.30 4.05
N VAL A 221 0.09 -15.77 3.30
CA VAL A 221 0.35 -14.96 2.11
C VAL A 221 0.38 -13.49 2.48
N GLY A 222 1.31 -12.75 1.88
CA GLY A 222 1.42 -11.33 2.16
C GLY A 222 1.70 -10.47 0.94
N GLY A 223 2.21 -9.26 1.17
CA GLY A 223 2.41 -8.31 0.09
C GLY A 223 3.38 -8.74 -0.98
N GLY A 224 4.19 -9.77 -0.70
CA GLY A 224 5.15 -10.23 -1.69
C GLY A 224 4.56 -11.04 -2.82
N CYS A 225 3.26 -11.36 -2.76
CA CYS A 225 2.62 -12.18 -3.77
C CYS A 225 1.74 -11.37 -4.72
N LEU A 226 1.83 -10.04 -4.68
CA LEU A 226 0.97 -9.21 -5.52
C LEU A 226 1.23 -9.43 -7.01
N ASN A 227 2.38 -9.97 -7.38
CA ASN A 227 2.71 -10.29 -8.76
C ASN A 227 2.58 -11.77 -9.06
N SER A 228 2.06 -12.56 -8.12
CA SER A 228 1.93 -14.00 -8.27
C SER A 228 0.47 -14.42 -8.11
N SER A 229 -0.46 -13.62 -8.63
CA SER A 229 -1.88 -13.91 -8.49
C SER A 229 -2.23 -15.25 -9.12
N ASP A 230 -1.79 -15.47 -10.36
CA ASP A 230 -2.10 -16.73 -11.05
C ASP A 230 -1.29 -17.88 -10.48
N GLU A 231 -0.02 -17.65 -10.15
CA GLU A 231 0.82 -18.71 -9.63
C GLU A 231 0.33 -19.21 -8.28
N LEU A 232 -0.15 -18.30 -7.43
CA LEU A 232 -0.68 -18.71 -6.13
C LEU A 232 -2.04 -19.39 -6.29
N GLY A 233 -2.86 -18.90 -7.22
CA GLY A 233 -4.15 -19.52 -7.46
C GLY A 233 -4.04 -20.96 -7.95
N ARG A 234 -3.02 -21.26 -8.74
CA ARG A 234 -2.78 -22.64 -9.17
C ARG A 234 -2.18 -23.48 -8.05
N PHE A 235 -1.36 -22.87 -7.19
CA PHE A 235 -0.71 -23.62 -6.12
C PHE A 235 -1.72 -24.18 -5.14
N VAL A 236 -2.78 -23.42 -4.85
CA VAL A 236 -3.78 -23.91 -3.91
C VAL A 236 -4.68 -24.96 -4.57
N GLU A 237 -4.81 -24.92 -5.90
CA GLU A 237 -5.53 -25.97 -6.60
C GLU A 237 -4.89 -27.33 -6.36
N LEU A 238 -3.56 -27.41 -6.47
CA LEU A 238 -2.85 -28.67 -6.35
C LEU A 238 -2.64 -29.10 -4.90
N THR A 239 -2.84 -28.22 -3.93
CA THR A 239 -2.65 -28.57 -2.53
C THR A 239 -3.92 -28.50 -1.71
N GLY A 240 -4.80 -27.54 -1.98
CA GLY A 240 -5.99 -27.38 -1.17
C GLY A 240 -5.74 -26.80 0.20
N ILE A 241 -4.64 -26.07 0.37
CA ILE A 241 -4.30 -25.50 1.68
C ILE A 241 -5.06 -24.20 1.86
N PRO A 242 -5.70 -23.97 3.00
CA PRO A 242 -6.37 -22.68 3.23
C PRO A 242 -5.39 -21.53 3.24
N VAL A 243 -5.87 -20.36 2.80
CA VAL A 243 -5.04 -19.20 2.55
C VAL A 243 -5.41 -18.11 3.54
N ALA A 244 -4.44 -17.68 4.35
CA ALA A 244 -4.59 -16.56 5.27
C ALA A 244 -3.74 -15.41 4.76
N SER A 245 -4.38 -14.31 4.38
CA SER A 245 -3.69 -13.16 3.80
C SER A 245 -3.43 -12.09 4.85
N THR A 246 -2.47 -11.22 4.56
CA THR A 246 -2.18 -10.09 5.42
C THR A 246 -2.90 -8.84 4.91
N LEU A 247 -2.80 -7.76 5.70
CA LEU A 247 -3.33 -6.47 5.28
C LEU A 247 -2.78 -6.06 3.91
N MET A 248 -1.56 -6.49 3.60
CA MET A 248 -0.92 -6.13 2.34
C MET A 248 -1.16 -7.13 1.22
N GLY A 249 -1.36 -8.41 1.56
CA GLY A 249 -1.63 -9.42 0.57
C GLY A 249 -3.06 -9.53 0.10
N LEU A 250 -3.93 -8.63 0.56
CA LEU A 250 -5.33 -8.68 0.19
C LEU A 250 -5.49 -8.57 -1.33
N GLY A 251 -6.22 -9.52 -1.91
CA GLY A 251 -6.40 -9.59 -3.33
C GLY A 251 -5.54 -10.62 -4.03
N SER A 252 -4.43 -11.03 -3.41
CA SER A 252 -3.60 -12.07 -3.98
C SER A 252 -4.40 -13.35 -4.18
N TYR A 253 -5.15 -13.76 -3.16
CA TYR A 253 -6.09 -14.86 -3.26
C TYR A 253 -7.47 -14.32 -2.94
N PRO A 254 -8.47 -14.46 -3.84
CA PRO A 254 -9.83 -13.94 -3.68
C PRO A 254 -10.45 -14.23 -2.31
N ASP A 256 -13.54 -14.11 -1.53
CA ASP A 256 -14.85 -14.73 -1.64
C ASP A 256 -14.75 -16.25 -1.87
N ASP A 257 -13.53 -16.76 -1.97
CA ASP A 257 -13.33 -18.18 -2.21
C ASP A 257 -13.58 -18.97 -0.93
N GLU A 258 -13.97 -20.24 -1.12
CA GLU A 258 -14.28 -21.10 0.01
C GLU A 258 -13.03 -21.53 0.78
N LEU A 259 -11.86 -21.49 0.14
CA LEU A 259 -10.61 -21.83 0.80
C LEU A 259 -9.95 -20.62 1.47
N SER A 260 -10.53 -19.44 1.34
CA SER A 260 -9.93 -18.23 1.87
C SER A 260 -10.23 -18.09 3.36
N LEU A 261 -9.19 -17.76 4.14
CA LEU A 261 -9.34 -17.45 5.55
C LEU A 261 -9.38 -15.94 5.80
N HIS A 262 -9.36 -15.14 4.75
CA HIS A 262 -9.37 -13.67 4.83
C HIS A 262 -8.10 -13.24 5.58
N MET A 263 -8.17 -12.21 6.42
CA MET A 263 -6.99 -11.65 7.05
C MET A 263 -6.72 -12.30 8.39
N LEU A 264 -5.43 -12.45 8.70
CA LEU A 264 -4.96 -12.88 10.01
C LEU A 264 -4.24 -11.73 10.69
N GLY A 265 -4.15 -11.81 12.01
CA GLY A 265 -3.37 -10.85 12.77
C GLY A 265 -4.15 -10.24 13.89
N MET A 266 -3.74 -9.04 14.29
CA MET A 266 -4.36 -8.34 15.42
C MET A 266 -5.86 -8.14 15.17
N HIS A 267 -6.21 -7.59 14.01
CA HIS A 267 -7.61 -7.41 13.62
C HIS A 267 -8.04 -8.42 12.56
N GLY A 268 -7.35 -9.56 12.49
CA GLY A 268 -7.74 -10.61 11.56
C GLY A 268 -8.82 -11.51 12.12
N THR A 269 -9.49 -12.22 11.21
CA THR A 269 -10.62 -13.06 11.59
C THR A 269 -10.19 -14.14 12.57
N VAL A 270 -11.17 -14.62 13.35
CA VAL A 270 -10.88 -15.63 14.38
C VAL A 270 -10.43 -16.94 13.74
N TYR A 271 -11.09 -17.34 12.66
CA TYR A 271 -10.76 -18.63 12.05
C TYR A 271 -9.40 -18.61 11.36
N ALA A 272 -8.97 -17.45 10.85
CA ALA A 272 -7.65 -17.36 10.26
C ALA A 272 -6.56 -17.49 11.32
N ASN A 273 -6.72 -16.77 12.44
CA ASN A 273 -5.76 -16.87 13.53
C ASN A 273 -5.79 -18.26 14.16
N TYR A 274 -6.96 -18.87 14.25
CA TYR A 274 -7.06 -20.23 14.77
C TYR A 274 -6.29 -21.21 13.90
N ALA A 275 -6.35 -21.03 12.57
CA ALA A 275 -5.65 -21.92 11.67
C ALA A 275 -4.14 -21.87 11.89
N VAL A 276 -3.60 -20.66 12.06
CA VAL A 276 -2.16 -20.52 12.24
C VAL A 276 -1.74 -21.07 13.61
N GLU A 277 -2.55 -20.83 14.64
CA GLU A 277 -2.20 -21.28 15.98
C GLU A 277 -2.13 -22.80 16.05
N HIS A 278 -3.09 -23.48 15.44
CA HIS A 278 -3.18 -24.94 15.49
C HIS A 278 -2.77 -25.58 14.17
N SER A 279 -1.74 -25.04 13.53
CA SER A 279 -1.18 -25.60 12.33
C SER A 279 0.08 -26.39 12.64
N ASP A 280 0.41 -27.34 11.76
CA ASP A 280 1.67 -28.05 11.82
C ASP A 280 2.64 -27.64 10.72
N LEU A 281 2.15 -26.96 9.68
CA LEU A 281 3.00 -26.46 8.60
C LEU A 281 2.50 -25.07 8.23
N LEU A 282 3.40 -24.09 8.26
CA LEU A 282 3.08 -22.70 7.94
C LEU A 282 3.89 -22.28 6.72
N LEU A 283 3.20 -22.05 5.61
CA LEU A 283 3.84 -21.60 4.37
C LEU A 283 3.77 -20.08 4.33
N ALA A 284 4.86 -19.42 4.74
CA ALA A 284 4.93 -17.97 4.82
C ALA A 284 5.56 -17.45 3.52
N PHE A 285 4.70 -17.10 2.56
CA PHE A 285 5.15 -16.64 1.25
C PHE A 285 4.92 -15.13 1.16
N GLY A 286 6.01 -14.38 0.99
CA GLY A 286 5.92 -12.95 0.79
C GLY A 286 5.46 -12.16 1.99
N VAL A 287 5.93 -12.51 3.19
CA VAL A 287 5.54 -11.84 4.43
C VAL A 287 6.81 -11.42 5.17
N ARG A 288 6.61 -10.64 6.23
CA ARG A 288 7.72 -10.18 7.05
C ARG A 288 7.47 -10.38 8.55
N PHE A 289 6.42 -11.11 8.93
CA PHE A 289 6.17 -11.48 10.33
C PHE A 289 6.06 -10.23 11.21
N ASP A 290 5.18 -9.32 10.81
CA ASP A 290 5.01 -8.08 11.56
C ASP A 290 4.38 -8.34 12.92
N ASP A 291 4.66 -7.44 13.87
CA ASP A 291 4.10 -7.57 15.21
C ASP A 291 2.58 -7.46 15.21
N ARG A 292 2.01 -6.80 14.21
CA ARG A 292 0.55 -6.74 14.06
C ARG A 292 -0.04 -8.04 13.54
N VAL A 293 0.78 -9.04 13.24
CA VAL A 293 0.33 -10.34 12.77
C VAL A 293 0.65 -11.44 13.76
N THR A 294 1.82 -11.37 14.41
CA THR A 294 2.28 -12.45 15.28
C THR A 294 1.92 -12.22 16.74
N GLY A 295 1.96 -10.98 17.21
CA GLY A 295 1.80 -10.75 18.64
C GLY A 295 3.02 -11.25 19.37
N LYS A 296 2.81 -12.03 20.43
CA LYS A 296 3.91 -12.69 21.10
C LYS A 296 4.47 -13.77 20.18
N LEU A 297 5.74 -13.61 19.78
CA LEU A 297 6.31 -14.47 18.76
C LEU A 297 6.38 -15.93 19.19
N GLU A 298 6.57 -16.18 20.49
CA GLU A 298 6.66 -17.56 20.96
C GLU A 298 5.35 -18.31 20.78
N ALA A 299 4.23 -17.60 20.75
CA ALA A 299 2.93 -18.23 20.57
C ALA A 299 2.49 -18.33 19.13
N PHE A 300 3.18 -17.67 18.21
CA PHE A 300 2.80 -17.65 16.80
C PHE A 300 3.27 -18.94 16.13
N ALA A 301 2.33 -19.77 15.71
CA ALA A 301 2.62 -21.05 15.04
C ALA A 301 3.58 -21.89 15.88
N SER A 302 3.31 -21.98 17.18
CA SER A 302 4.22 -22.66 18.09
C SER A 302 4.30 -24.16 17.81
N ARG A 303 3.28 -24.74 17.17
CA ARG A 303 3.27 -26.16 16.85
C ARG A 303 3.33 -26.41 15.34
N ALA A 304 3.94 -25.48 14.60
CA ALA A 304 3.95 -25.53 13.15
C ALA A 304 5.38 -25.50 12.61
N LYS A 305 5.61 -26.28 11.56
CA LYS A 305 6.87 -26.22 10.82
C LYS A 305 6.79 -25.05 9.85
N ILE A 306 7.72 -24.10 9.97
CA ILE A 306 7.63 -22.83 9.27
C ILE A 306 8.51 -22.88 8.03
N VAL A 307 7.90 -22.62 6.87
CA VAL A 307 8.61 -22.50 5.60
C VAL A 307 8.49 -21.05 5.14
N HIS A 308 9.62 -20.36 5.06
CA HIS A 308 9.66 -18.93 4.78
C HIS A 308 10.31 -18.69 3.43
N ILE A 309 9.61 -17.99 2.54
CA ILE A 309 10.10 -17.64 1.22
C ILE A 309 10.15 -16.13 1.11
N ASP A 310 11.32 -15.59 0.76
CA ASP A 310 11.49 -14.14 0.70
C ASP A 310 12.54 -13.79 -0.35
N ILE A 311 12.42 -12.56 -0.87
CA ILE A 311 13.46 -11.99 -1.73
C ILE A 311 14.45 -11.15 -0.94
N ASP A 312 14.16 -10.86 0.32
CA ASP A 312 15.07 -10.15 1.22
C ASP A 312 15.62 -11.16 2.22
N SER A 313 16.91 -11.49 2.07
CA SER A 313 17.54 -12.43 2.98
C SER A 313 17.61 -11.93 4.42
N ALA A 314 17.36 -10.63 4.63
CA ALA A 314 17.38 -10.08 5.98
C ALA A 314 16.10 -10.39 6.74
N GLU A 315 14.99 -10.62 6.03
CA GLU A 315 13.73 -10.95 6.69
C GLU A 315 13.67 -12.40 7.13
N ILE A 316 14.46 -13.28 6.52
CA ILE A 316 14.44 -14.69 6.87
C ILE A 316 15.10 -14.88 8.22
N GLY A 317 14.35 -15.46 9.17
CA GLY A 317 14.85 -15.62 10.52
C GLY A 317 15.01 -14.33 11.27
N LYS A 318 14.30 -13.27 10.86
CA LYS A 318 14.42 -11.97 11.52
C LYS A 318 13.70 -11.97 12.86
N ASN A 319 12.39 -12.26 12.84
CA ASN A 319 11.58 -12.33 14.05
C ASN A 319 11.20 -13.75 14.44
N LYS A 320 10.95 -14.61 13.47
CA LYS A 320 10.58 -16.00 13.71
C LYS A 320 11.49 -16.90 12.91
N THR A 321 12.23 -17.76 13.59
CA THR A 321 13.19 -18.64 12.91
C THR A 321 12.44 -19.78 12.21
N PRO A 322 12.61 -19.96 10.91
CA PRO A 322 11.88 -21.00 10.19
C PRO A 322 12.65 -22.31 10.13
N HIS A 323 11.93 -23.37 9.76
CA HIS A 323 12.55 -24.65 9.46
C HIS A 323 13.31 -24.55 8.14
N VAL A 324 12.56 -24.58 7.04
CA VAL A 324 13.11 -24.45 5.70
C VAL A 324 12.94 -23.00 5.25
N SER A 325 13.95 -22.47 4.56
CA SER A 325 13.92 -21.11 4.06
C SER A 325 14.36 -21.10 2.59
N VAL A 326 13.75 -20.21 1.82
CA VAL A 326 14.06 -20.04 0.41
C VAL A 326 14.19 -18.55 0.12
N CYS A 327 15.37 -18.13 -0.34
CA CYS A 327 15.62 -16.72 -0.65
C CYS A 327 15.53 -16.55 -2.16
N GLY A 328 14.40 -16.00 -2.61
CA GLY A 328 14.21 -15.77 -4.03
C GLY A 328 12.81 -15.26 -4.30
N ASP A 329 12.53 -15.07 -5.59
CA ASP A 329 11.21 -14.61 -6.02
C ASP A 329 10.18 -15.70 -5.77
N VAL A 330 9.15 -15.36 -4.98
CA VAL A 330 8.10 -16.33 -4.67
C VAL A 330 7.33 -16.70 -5.93
N LYS A 331 7.28 -15.80 -6.90
CA LYS A 331 6.63 -16.10 -8.18
C LYS A 331 7.31 -17.29 -8.86
N LEU A 332 8.64 -17.34 -8.82
CA LEU A 332 9.36 -18.49 -9.38
C LEU A 332 9.25 -19.72 -8.49
N ALA A 333 9.29 -19.53 -7.17
CA ALA A 333 9.17 -20.66 -6.26
C ALA A 333 7.82 -21.35 -6.40
N LEU A 334 6.77 -20.59 -6.70
CA LEU A 334 5.47 -21.22 -6.95
C LEU A 334 5.45 -21.95 -8.28
N GLN A 335 6.05 -21.36 -9.31
CA GLN A 335 6.10 -22.02 -10.62
C GLN A 335 6.84 -23.35 -10.52
N GLY A 336 7.94 -23.39 -9.79
CA GLY A 336 8.67 -24.64 -9.63
C GLY A 336 7.90 -25.66 -8.82
N MET A 337 7.26 -25.23 -7.73
CA MET A 337 6.50 -26.16 -6.91
C MET A 337 5.23 -26.63 -7.61
N ASN A 338 4.68 -25.82 -8.53
CA ASN A 338 3.46 -26.22 -9.21
C ASN A 338 3.69 -27.43 -10.11
N LYS A 339 4.72 -27.35 -10.97
CA LYS A 339 5.01 -28.47 -11.87
C LYS A 339 5.56 -29.69 -11.14
N VAL A 340 5.97 -29.54 -9.88
CA VAL A 340 6.34 -30.71 -9.09
C VAL A 340 5.09 -31.38 -8.51
N LEU A 341 4.07 -30.58 -8.17
CA LEU A 341 2.85 -31.15 -7.58
C LEU A 341 2.04 -31.92 -8.61
N GLU A 342 1.98 -31.43 -9.85
CA GLU A 342 1.17 -32.11 -10.86
C GLU A 342 1.86 -33.35 -11.42
N ASN A 343 3.18 -33.33 -11.51
CA ASN A 343 3.91 -34.53 -11.95
C ASN A 343 3.98 -35.59 -10.87
N ARG A 344 3.80 -35.21 -9.61
CA ARG A 344 3.70 -36.16 -8.50
C ARG A 344 2.31 -36.16 -7.89
N ALA A 345 1.28 -35.94 -8.71
CA ALA A 345 -0.08 -35.88 -8.20
C ALA A 345 -0.52 -37.23 -7.64
N GLU A 346 -0.18 -38.32 -8.33
CA GLU A 346 -0.58 -39.65 -7.87
C GLU A 346 0.22 -40.08 -6.65
N GLU A 347 1.51 -39.71 -6.60
CA GLU A 347 2.33 -40.11 -5.46
C GLU A 347 1.85 -39.46 -4.17
N LEU A 348 1.50 -38.18 -4.22
CA LEU A 348 1.10 -37.43 -3.04
C LEU A 348 -0.39 -37.60 -2.78
N LYS A 349 -0.73 -37.89 -1.53
CA LYS A 349 -2.13 -37.99 -1.14
C LYS A 349 -2.84 -36.67 -1.36
N LEU A 350 -2.51 -35.67 -0.55
CA LEU A 350 -2.99 -34.29 -0.71
C LEU A 350 -4.52 -34.24 -0.65
N ASP A 351 -5.03 -34.39 0.58
CA ASP A 351 -6.47 -34.23 0.84
C ASP A 351 -6.60 -33.77 2.29
N PHE A 352 -6.55 -32.45 2.49
CA PHE A 352 -6.65 -31.85 3.81
C PHE A 352 -8.09 -31.54 4.19
N GLY A 353 -9.07 -32.19 3.54
CA GLY A 353 -10.46 -31.91 3.82
C GLY A 353 -10.84 -32.04 5.28
N VAL A 354 -10.12 -32.88 6.03
CA VAL A 354 -10.35 -32.99 7.46
C VAL A 354 -9.93 -31.69 8.16
N TRP A 355 -8.87 -31.05 7.66
CA TRP A 355 -8.35 -29.84 8.30
C TRP A 355 -9.18 -28.61 7.94
N ARG A 356 -9.52 -28.45 6.66
CA ARG A 356 -10.29 -27.27 6.26
C ARG A 356 -11.73 -27.34 6.76
N ASN A 357 -12.31 -28.54 6.85
CA ASN A 357 -13.62 -28.67 7.47
C ASN A 357 -13.54 -28.53 8.98
N GLU A 358 -12.35 -28.65 9.57
CA GLU A 358 -12.16 -28.25 10.95
C GLU A 358 -12.12 -26.72 11.07
N LEU A 359 -11.57 -26.05 10.06
CA LEU A 359 -11.55 -24.59 10.05
C LEU A 359 -12.91 -24.01 9.70
N ASN A 360 -13.62 -24.63 8.75
CA ASN A 360 -14.96 -24.18 8.41
C ASN A 360 -15.91 -24.27 9.60
N VAL A 361 -15.61 -25.13 10.57
CA VAL A 361 -16.35 -25.12 11.83
C VAL A 361 -16.15 -23.80 12.55
N GLN A 362 -14.89 -23.35 12.65
CA GLN A 362 -14.62 -22.06 13.25
C GLN A 362 -15.09 -20.91 12.38
N LYS A 363 -15.17 -21.12 11.06
CA LYS A 363 -15.60 -20.06 10.16
C LYS A 363 -17.08 -19.72 10.37
N GLN A 364 -17.90 -20.72 10.68
CA GLN A 364 -19.30 -20.46 10.99
C GLN A 364 -19.55 -20.19 12.46
N LYS A 365 -18.65 -20.64 13.34
CA LYS A 365 -18.83 -20.39 14.76
C LYS A 365 -18.46 -18.96 15.14
N PHE A 366 -17.34 -18.46 14.61
CA PHE A 366 -16.87 -17.10 14.89
C PHE A 366 -16.60 -16.38 13.58
N PRO A 367 -17.65 -15.93 12.87
CA PRO A 367 -17.44 -15.19 11.63
C PRO A 367 -17.35 -13.68 11.85
N LEU A 368 -17.13 -12.93 10.78
CA LEU A 368 -17.11 -11.47 10.88
C LEU A 368 -18.53 -10.94 11.04
N SER A 369 -18.80 -10.34 12.20
CA SER A 369 -20.14 -9.88 12.55
C SER A 369 -20.16 -8.39 12.83
N PHE A 370 -21.36 -7.81 12.76
CA PHE A 370 -21.56 -6.40 13.07
C PHE A 370 -23.01 -6.19 13.47
N LYS A 371 -23.23 -5.30 14.44
CA LYS A 371 -24.57 -4.95 14.88
C LYS A 371 -25.14 -3.82 14.03
N THR A 372 -26.46 -3.81 13.92
CA THR A 372 -27.20 -2.75 13.22
C THR A 372 -28.17 -2.12 14.20
N PHE A 373 -27.89 -0.88 14.60
CA PHE A 373 -28.67 -0.17 15.61
C PHE A 373 -29.70 0.72 14.94
N GLY A 374 -30.97 0.31 14.99
CA GLY A 374 -32.03 1.12 14.42
C GLY A 374 -31.81 1.38 12.94
N GLU A 375 -31.85 2.65 12.57
CA GLU A 375 -31.54 3.08 11.21
C GLU A 375 -30.14 3.68 11.09
N ALA A 376 -29.36 3.69 12.16
CA ALA A 376 -27.99 4.16 12.09
C ALA A 376 -27.18 3.28 11.13
N ILE A 377 -26.39 3.92 10.29
CA ILE A 377 -25.61 3.21 9.27
C ILE A 377 -24.47 2.45 9.91
N PRO A 378 -24.43 1.13 9.79
CA PRO A 378 -23.23 0.38 10.18
C PRO A 378 -22.14 0.59 9.15
N PRO A 379 -20.97 1.08 9.58
CA PRO A 379 -19.87 1.29 8.62
C PRO A 379 -19.48 0.01 7.90
N GLN A 380 -19.54 -1.13 8.60
CA GLN A 380 -19.27 -2.41 7.97
C GLN A 380 -20.28 -2.68 6.85
N TYR A 381 -21.57 -2.43 7.12
CA TYR A 381 -22.60 -2.66 6.12
C TYR A 381 -22.44 -1.74 4.92
N ALA A 382 -22.03 -0.49 5.16
CA ALA A 382 -21.84 0.45 4.06
C ALA A 382 -20.78 -0.04 3.09
N ILE A 383 -19.68 -0.57 3.62
CA ILE A 383 -18.62 -1.10 2.75
C ILE A 383 -19.10 -2.37 2.06
N LYS A 384 -19.93 -3.18 2.73
CA LYS A 384 -20.47 -4.36 2.09
C LYS A 384 -21.39 -4.01 0.93
N VAL A 385 -22.06 -2.86 1.00
CA VAL A 385 -22.89 -2.41 -0.11
C VAL A 385 -22.03 -1.99 -1.29
N LEU A 386 -20.93 -1.28 -1.01
CA LEU A 386 -20.02 -0.86 -2.07
C LEU A 386 -19.44 -2.07 -2.80
N ASP A 387 -19.18 -3.15 -2.06
CA ASP A 387 -18.72 -4.39 -2.70
C ASP A 387 -19.78 -4.92 -3.66
N GLU A 388 -21.04 -4.93 -3.24
CA GLU A 388 -22.11 -5.45 -4.07
C GLU A 388 -22.33 -4.57 -5.29
N LEU A 389 -22.37 -3.24 -5.10
CA LEU A 389 -22.68 -2.34 -6.20
C LEU A 389 -21.52 -2.18 -7.18
N THR A 390 -20.31 -2.55 -6.80
CA THR A 390 -19.15 -2.50 -7.68
C THR A 390 -18.69 -3.88 -8.12
N ASP A 391 -19.35 -4.94 -7.66
CA ASP A 391 -18.99 -6.32 -8.00
C ASP A 391 -17.54 -6.63 -7.58
N GLY A 392 -17.07 -5.97 -6.52
CA GLY A 392 -15.72 -6.20 -6.04
C GLY A 392 -14.63 -5.88 -7.03
N LYS A 393 -14.92 -5.03 -8.03
CA LYS A 393 -13.96 -4.71 -9.09
C LYS A 393 -13.48 -3.27 -9.01
N ALA A 394 -13.55 -2.65 -7.84
CA ALA A 394 -13.19 -1.25 -7.67
C ALA A 394 -11.87 -1.13 -6.90
N ILE A 395 -10.99 -0.26 -7.40
CA ILE A 395 -9.76 0.04 -6.69
C ILE A 395 -10.09 0.81 -5.42
N ILE A 396 -9.64 0.30 -4.28
CA ILE A 396 -9.98 0.85 -2.97
C ILE A 396 -8.71 1.37 -2.32
N SER A 397 -8.69 2.66 -2.03
CA SER A 397 -7.66 3.26 -1.19
C SER A 397 -8.32 3.74 0.11
N THR A 398 -7.57 3.67 1.20
CA THR A 398 -8.11 4.03 2.51
C THR A 398 -7.11 4.86 3.28
N GLY A 399 -7.61 5.51 4.33
CA GLY A 399 -6.75 6.17 5.30
C GLY A 399 -6.23 5.17 6.31
N VAL A 400 -6.20 5.55 7.58
CA VAL A 400 -5.73 4.67 8.65
C VAL A 400 -6.65 4.84 9.85
N GLY A 401 -7.18 3.73 10.34
CA GLY A 401 -8.06 3.76 11.50
C GLY A 401 -9.08 2.65 11.41
N GLN A 402 -10.22 2.88 12.08
CA GLN A 402 -11.29 1.90 12.08
C GLN A 402 -11.79 1.64 10.67
N HIS A 403 -12.01 2.70 9.90
CA HIS A 403 -12.49 2.55 8.52
C HIS A 403 -11.51 1.75 7.68
N GLN A 404 -10.22 1.82 7.99
CA GLN A 404 -9.22 1.06 7.25
C GLN A 404 -9.40 -0.44 7.44
N MET A 405 -9.69 -0.86 8.67
CA MET A 405 -9.89 -2.27 8.94
C MET A 405 -11.19 -2.77 8.32
N TRP A 406 -12.27 -2.00 8.44
CA TRP A 406 -13.54 -2.42 7.88
C TRP A 406 -13.50 -2.46 6.36
N ALA A 407 -12.70 -1.61 5.72
CA ALA A 407 -12.51 -1.69 4.28
C ALA A 407 -11.73 -2.94 3.90
N ALA A 408 -10.90 -3.45 4.82
CA ALA A 408 -10.16 -4.67 4.56
C ALA A 408 -10.99 -5.91 4.90
N GLN A 409 -11.85 -5.82 5.91
CA GLN A 409 -12.65 -6.97 6.33
C GLN A 409 -13.83 -7.22 5.40
N PHE A 410 -14.60 -6.17 5.10
CA PHE A 410 -15.89 -6.31 4.43
C PHE A 410 -15.84 -5.91 2.97
N TYR A 411 -14.73 -6.21 2.28
CA TYR A 411 -14.64 -6.06 0.83
C TYR A 411 -13.88 -7.25 0.28
N ASN A 412 -14.43 -7.88 -0.76
CA ASN A 412 -13.85 -9.09 -1.34
C ASN A 412 -13.05 -8.68 -2.57
N TYR A 413 -11.79 -8.35 -2.36
CA TYR A 413 -10.89 -7.99 -3.44
C TYR A 413 -10.54 -9.24 -4.24
N LYS A 414 -10.81 -9.19 -5.54
CA LYS A 414 -10.63 -10.37 -6.39
C LYS A 414 -9.25 -10.46 -7.01
N LYS A 415 -8.59 -9.32 -7.22
CA LYS A 415 -7.27 -9.28 -7.83
C LYS A 415 -6.35 -8.40 -7.01
N PRO A 416 -5.04 -8.65 -7.06
CA PRO A 416 -4.09 -7.80 -6.35
C PRO A 416 -3.98 -6.44 -7.03
N ARG A 417 -3.25 -5.54 -6.35
CA ARG A 417 -3.11 -4.14 -6.76
C ARG A 417 -4.46 -3.43 -6.86
N GLN A 418 -5.46 -3.95 -6.15
CA GLN A 418 -6.76 -3.32 -6.01
C GLN A 418 -6.96 -2.70 -4.64
N TRP A 419 -6.12 -3.05 -3.67
CA TRP A 419 -6.23 -2.62 -2.28
C TRP A 419 -5.01 -1.76 -1.96
N LEU A 420 -5.23 -0.46 -1.83
CA LEU A 420 -4.17 0.51 -1.56
C LEU A 420 -4.36 1.05 -0.14
N SER A 421 -3.41 0.74 0.74
CA SER A 421 -3.53 1.18 2.12
C SER A 421 -2.15 1.23 2.75
N SER A 422 -1.96 2.20 3.65
CA SER A 422 -0.71 2.31 4.39
C SER A 422 -0.74 1.33 5.56
N GLY A 423 0.00 0.24 5.43
CA GLY A 423 0.00 -0.79 6.45
C GLY A 423 1.23 -0.78 7.34
N GLY A 424 2.40 -0.57 6.74
CA GLY A 424 3.63 -0.50 7.50
C GLY A 424 3.72 0.75 8.35
N LEU A 425 3.82 1.91 7.69
CA LEU A 425 3.87 3.16 8.42
C LEU A 425 2.52 3.52 9.02
N GLY A 426 1.43 3.17 8.33
CA GLY A 426 0.10 3.51 8.80
C GLY A 426 -0.14 5.00 8.82
N ALA A 427 0.05 5.65 7.68
CA ALA A 427 0.01 7.10 7.58
C ALA A 427 -1.41 7.57 7.27
N MET A 428 -1.96 8.41 8.13
CA MET A 428 -3.25 9.03 7.88
C MET A 428 -3.16 9.98 6.69
N GLY A 429 -4.31 10.27 6.09
CA GLY A 429 -4.33 11.11 4.92
C GLY A 429 -3.76 10.45 3.68
N PHE A 430 -3.47 9.16 3.73
CA PHE A 430 -2.95 8.47 2.56
C PHE A 430 -4.05 8.21 1.53
N GLY A 431 -5.29 8.09 1.97
CA GLY A 431 -6.39 7.67 1.13
C GLY A 431 -6.66 8.54 -0.09
N LEU A 432 -7.01 9.80 0.14
CA LEU A 432 -7.41 10.67 -0.97
C LEU A 432 -6.32 10.84 -2.02
N PRO A 433 -5.06 11.13 -1.67
CA PRO A 433 -4.04 11.25 -2.73
C PRO A 433 -3.73 9.93 -3.41
N ALA A 434 -3.77 8.81 -2.69
CA ALA A 434 -3.53 7.51 -3.33
C ALA A 434 -4.57 7.21 -4.39
N ALA A 435 -5.83 7.61 -4.13
CA ALA A 435 -6.88 7.44 -5.14
C ALA A 435 -6.61 8.31 -6.36
N ILE A 436 -5.93 9.45 -6.17
CA ILE A 436 -5.60 10.31 -7.29
C ILE A 436 -4.63 9.61 -8.24
N GLY A 437 -3.54 9.08 -7.68
CA GLY A 437 -2.57 8.38 -8.50
C GLY A 437 -3.10 7.09 -9.08
N ALA A 438 -3.99 6.41 -8.36
CA ALA A 438 -4.58 5.19 -8.88
C ALA A 438 -5.53 5.47 -10.05
N SER A 439 -6.28 6.58 -9.96
CA SER A 439 -7.17 6.94 -11.05
C SER A 439 -6.39 7.34 -12.29
N VAL A 440 -5.23 7.98 -12.12
CA VAL A 440 -4.41 8.34 -13.27
C VAL A 440 -3.78 7.10 -13.89
N ALA A 441 -3.39 6.13 -13.05
CA ALA A 441 -2.79 4.90 -13.56
C ALA A 441 -3.82 3.97 -14.17
N ASN A 442 -5.08 4.06 -13.72
CA ASN A 442 -6.16 3.22 -14.21
C ASN A 442 -7.36 4.13 -14.51
N PRO A 443 -7.35 4.80 -15.67
CA PRO A 443 -8.39 5.80 -15.95
C PRO A 443 -9.79 5.22 -16.01
N ASP A 444 -9.94 4.01 -16.55
CA ASP A 444 -11.24 3.39 -16.73
C ASP A 444 -11.66 2.52 -15.56
N ALA A 445 -11.05 2.72 -14.39
CA ALA A 445 -11.32 1.90 -13.23
C ALA A 445 -12.14 2.68 -12.21
N ILE A 446 -13.00 1.95 -11.49
CA ILE A 446 -13.76 2.52 -10.39
C ILE A 446 -12.81 2.71 -9.21
N VAL A 447 -12.44 3.95 -8.93
CA VAL A 447 -11.52 4.28 -7.85
C VAL A 447 -12.35 4.90 -6.72
N VAL A 448 -12.32 4.28 -5.55
CA VAL A 448 -13.09 4.72 -4.40
C VAL A 448 -12.16 4.86 -3.20
N ASP A 449 -12.24 6.01 -2.53
CA ASP A 449 -11.43 6.30 -1.34
C ASP A 449 -12.33 6.13 -0.12
N ILE A 450 -12.14 5.02 0.60
CA ILE A 450 -12.84 4.78 1.85
C ILE A 450 -12.00 5.43 2.94
N ASP A 451 -12.28 6.70 3.21
CA ASP A 451 -11.49 7.50 4.13
C ASP A 451 -12.26 7.74 5.43
N GLY A 452 -11.52 8.20 6.45
CA GLY A 452 -12.11 8.58 7.71
C GLY A 452 -12.08 10.08 7.89
N ASP A 453 -12.96 10.62 8.73
CA ASP A 453 -13.09 12.07 8.84
C ASP A 453 -11.80 12.72 9.34
N GLY A 454 -11.00 11.99 10.11
CA GLY A 454 -9.72 12.49 10.56
C GLY A 454 -8.66 12.39 9.48
N SER A 455 -8.62 11.26 8.78
CA SER A 455 -7.63 11.07 7.73
C SER A 455 -7.99 11.90 6.50
N PHE A 456 -9.27 12.01 6.17
CA PHE A 456 -9.69 12.72 4.96
C PHE A 456 -9.31 14.20 5.05
N ILE A 457 -9.45 14.80 6.23
CA ILE A 457 -9.21 16.23 6.35
C ILE A 457 -7.73 16.57 6.29
N MET A 458 -6.85 15.62 6.62
CA MET A 458 -5.41 15.91 6.64
C MET A 458 -4.91 16.34 5.28
N ASN A 459 -5.26 15.61 4.23
CA ASN A 459 -4.92 15.97 2.86
C ASN A 459 -6.16 16.34 2.06
N VAL A 460 -7.07 17.09 2.69
CA VAL A 460 -8.28 17.53 2.01
C VAL A 460 -7.97 18.50 0.88
N GLN A 461 -6.79 19.12 0.90
CA GLN A 461 -6.42 20.07 -0.15
C GLN A 461 -6.35 19.41 -1.52
N GLU A 462 -6.15 18.09 -1.57
CA GLU A 462 -6.04 17.40 -2.85
C GLU A 462 -7.38 17.25 -3.55
N LEU A 463 -8.49 17.68 -2.93
CA LEU A 463 -9.77 17.72 -3.64
C LEU A 463 -9.68 18.66 -4.84
N ALA A 464 -8.92 19.75 -4.71
CA ALA A 464 -8.70 20.65 -5.83
C ALA A 464 -7.94 19.95 -6.95
N THR A 465 -6.99 19.08 -6.59
CA THR A 465 -6.27 18.32 -7.60
C THR A 465 -7.20 17.38 -8.35
N ILE A 466 -8.20 16.83 -7.67
CA ILE A 466 -9.12 15.88 -8.31
C ILE A 466 -9.98 16.59 -9.34
N ARG A 467 -10.49 17.78 -9.01
CA ARG A 467 -11.33 18.52 -9.95
C ARG A 467 -10.51 19.07 -11.11
N VAL A 468 -9.36 19.67 -10.83
CA VAL A 468 -8.54 20.25 -11.88
C VAL A 468 -8.13 19.19 -12.89
N GLU A 469 -7.71 18.01 -12.41
CA GLU A 469 -7.29 16.92 -13.28
C GLU A 469 -8.47 16.07 -13.76
N ASN A 470 -9.69 16.40 -13.37
CA ASN A 470 -10.91 15.72 -13.82
C ASN A 470 -10.79 14.20 -13.65
N LEU A 471 -10.55 13.79 -12.41
CA LEU A 471 -10.38 12.37 -12.11
C LEU A 471 -11.63 11.82 -11.44
N PRO A 472 -12.19 10.72 -11.93
CA PRO A 472 -13.42 10.18 -11.33
C PRO A 472 -13.17 9.47 -10.00
N VAL A 473 -12.66 10.21 -9.02
CA VAL A 473 -12.36 9.65 -7.71
C VAL A 473 -13.61 9.71 -6.85
N LYS A 474 -14.02 8.56 -6.32
CA LYS A 474 -15.14 8.47 -5.40
C LYS A 474 -14.62 8.48 -3.97
N VAL A 475 -15.27 9.25 -3.11
CA VAL A 475 -14.87 9.39 -1.71
C VAL A 475 -16.00 8.85 -0.86
N LEU A 476 -15.86 7.62 -0.36
CA LEU A 476 -16.81 7.03 0.59
C LEU A 476 -16.31 7.36 1.99
N LEU A 477 -16.72 8.51 2.49
CA LEU A 477 -16.26 8.99 3.79
C LEU A 477 -17.08 8.36 4.91
N LEU A 478 -16.41 7.60 5.78
CA LEU A 478 -17.06 6.99 6.94
C LEU A 478 -16.87 7.93 8.12
N ASN A 479 -17.80 8.88 8.26
CA ASN A 479 -17.69 9.93 9.26
C ASN A 479 -18.19 9.42 10.60
N ASN A 480 -17.27 9.19 11.54
CA ASN A 480 -17.61 8.84 12.90
C ASN A 480 -17.40 9.99 13.87
N GLN A 481 -17.01 11.16 13.37
CA GLN A 481 -16.80 12.37 14.18
C GLN A 481 -15.73 12.17 15.26
N HIS A 482 -14.87 11.17 15.11
CA HIS A 482 -13.89 10.85 16.13
C HIS A 482 -12.60 10.37 15.48
N LEU A 483 -11.53 10.38 16.26
CA LEU A 483 -10.31 9.65 15.92
C LEU A 483 -10.52 8.19 16.34
N GLY A 484 -11.38 7.53 15.57
CA GLY A 484 -11.96 6.25 15.91
C GLY A 484 -11.04 5.19 16.50
N MET A 485 -9.99 4.82 15.76
CA MET A 485 -9.11 3.74 16.22
C MET A 485 -8.46 4.10 17.55
N VAL A 486 -8.13 5.38 17.76
CA VAL A 486 -7.59 5.80 19.05
C VAL A 486 -8.69 5.81 20.10
N MET A 487 -9.91 6.18 19.70
CA MET A 487 -11.04 6.16 20.62
C MET A 487 -11.33 4.74 21.10
N GLN A 488 -11.18 3.75 20.21
CA GLN A 488 -11.43 2.37 20.58
C GLN A 488 -10.45 1.89 21.65
N LEU A 489 -9.17 2.26 21.51
CA LEU A 489 -8.19 1.90 22.53
C LEU A 489 -8.46 2.61 23.85
N GLU A 490 -9.08 3.79 23.80
CA GLU A 490 -9.47 4.46 25.04
C GLU A 490 -10.58 3.72 25.75
N ASP A 491 -11.55 3.18 24.99
CA ASP A 491 -12.63 2.43 25.60
C ASP A 491 -12.15 1.12 26.20
N ARG A 492 -11.15 0.49 25.57
CA ARG A 492 -10.71 -0.83 26.01
C ARG A 492 -9.77 -0.74 27.22
N PHE A 493 -8.78 0.14 27.16
CA PHE A 493 -7.69 0.13 28.13
C PHE A 493 -7.61 1.38 29.00
N TYR A 494 -8.44 2.40 28.76
CA TYR A 494 -8.35 3.64 29.52
C TYR A 494 -9.71 4.08 30.03
N LYS A 495 -10.64 3.13 30.19
CA LYS A 495 -11.96 3.39 30.80
C LYS A 495 -12.72 4.48 30.06
N ALA A 496 -12.60 4.49 28.72
CA ALA A 496 -13.35 5.39 27.85
C ALA A 496 -13.12 6.85 28.19
N ASN A 497 -11.92 7.20 28.65
CA ASN A 497 -11.59 8.58 28.98
C ASN A 497 -11.06 9.25 27.72
N ARG A 498 -11.85 10.18 27.18
CA ARG A 498 -11.50 10.84 25.92
C ARG A 498 -10.29 11.75 26.12
N ALA A 499 -9.25 11.52 25.32
CA ALA A 499 -8.01 12.30 25.35
C ALA A 499 -7.77 12.86 23.96
N HIS A 500 -8.52 13.90 23.60
CA HIS A 500 -8.36 14.63 22.34
C HIS A 500 -8.61 13.72 21.13
N THR A 501 -9.74 13.02 21.16
CA THR A 501 -10.14 12.14 20.07
C THR A 501 -11.40 12.59 19.35
N PHE A 502 -12.13 13.56 19.88
CA PHE A 502 -13.32 14.08 19.23
C PHE A 502 -12.92 15.11 18.18
N LEU A 503 -13.45 14.98 16.97
CA LEU A 503 -13.07 15.84 15.86
C LEU A 503 -14.13 16.87 15.49
N GLY A 504 -15.33 16.80 16.07
CA GLY A 504 -16.36 17.78 15.82
C GLY A 504 -16.23 18.99 16.72
N ASP A 505 -17.26 19.83 16.68
CA ASP A 505 -17.28 21.05 17.48
C ASP A 505 -17.94 20.77 18.82
N PRO A 506 -17.25 20.94 19.95
CA PRO A 506 -17.89 20.72 21.25
C PRO A 506 -19.00 21.70 21.55
N ALA A 507 -18.99 22.90 20.93
CA ALA A 507 -20.07 23.84 21.12
C ALA A 507 -21.37 23.40 20.48
N GLN A 508 -21.36 22.31 19.71
CA GLN A 508 -22.53 21.78 19.02
C GLN A 508 -22.23 20.30 18.73
N GLU A 509 -22.41 19.47 19.77
CA GLU A 509 -21.97 18.08 19.71
C GLU A 509 -22.76 17.29 18.67
N ASP A 510 -24.08 17.49 18.61
CA ASP A 510 -24.93 16.73 17.72
C ASP A 510 -24.92 17.24 16.28
N GLU A 511 -24.11 18.26 15.98
CA GLU A 511 -23.94 18.76 14.62
C GLU A 511 -22.68 18.17 14.02
N ILE A 512 -22.80 17.62 12.81
CA ILE A 512 -21.65 16.99 12.17
C ILE A 512 -20.67 18.08 11.73
N PHE A 513 -19.45 18.02 12.26
CA PHE A 513 -18.44 19.04 11.99
C PHE A 513 -17.11 18.34 11.68
N PRO A 514 -16.40 18.78 10.63
CA PRO A 514 -16.84 19.83 9.71
C PRO A 514 -17.82 19.33 8.67
N ASN A 515 -18.52 20.24 8.01
CA ASN A 515 -19.42 19.91 6.92
C ASN A 515 -18.56 19.59 5.70
N MET A 516 -18.22 18.30 5.55
CA MET A 516 -17.34 17.88 4.48
C MET A 516 -17.93 18.13 3.10
N LEU A 517 -19.25 18.26 3.00
CA LEU A 517 -19.86 18.55 1.71
C LEU A 517 -19.38 19.88 1.16
N LEU A 518 -19.27 20.89 2.02
CA LEU A 518 -18.77 22.19 1.61
C LEU A 518 -17.30 22.14 1.20
N PHE A 519 -16.54 21.16 1.73
CA PHE A 519 -15.18 20.94 1.23
C PHE A 519 -15.19 20.53 -0.22
N ALA A 520 -16.06 19.57 -0.57
CA ALA A 520 -16.22 19.18 -1.97
C ALA A 520 -16.80 20.32 -2.79
N ALA A 521 -17.74 21.07 -2.21
CA ALA A 521 -18.33 22.19 -2.92
C ALA A 521 -17.29 23.26 -3.24
N ALA A 522 -16.36 23.51 -2.32
CA ALA A 522 -15.31 24.49 -2.56
C ALA A 522 -14.45 24.12 -3.76
N CYS A 523 -14.30 22.83 -4.02
CA CYS A 523 -13.54 22.34 -5.16
C CYS A 523 -14.43 21.88 -6.31
N GLY A 524 -15.68 22.35 -6.35
CA GLY A 524 -16.57 22.04 -7.45
C GLY A 524 -16.84 20.56 -7.64
N ILE A 525 -16.94 19.82 -6.55
CA ILE A 525 -17.18 18.38 -6.57
C ILE A 525 -18.58 18.11 -6.04
N PRO A 526 -19.41 17.36 -6.75
CA PRO A 526 -20.73 17.02 -6.22
C PRO A 526 -20.61 16.14 -4.99
N ALA A 527 -21.44 16.41 -3.98
CA ALA A 527 -21.36 15.73 -2.71
C ALA A 527 -22.76 15.47 -2.18
N ALA A 528 -22.85 14.52 -1.25
CA ALA A 528 -24.10 14.17 -0.60
C ALA A 528 -23.78 13.52 0.74
N ARG A 529 -24.77 13.51 1.62
CA ARG A 529 -24.62 12.93 2.95
C ARG A 529 -25.80 12.02 3.23
N VAL A 530 -25.52 10.80 3.67
CA VAL A 530 -26.54 9.83 4.03
C VAL A 530 -26.39 9.50 5.51
N THR A 531 -27.53 9.38 6.21
CA THR A 531 -27.55 9.10 7.63
C THR A 531 -28.32 7.83 7.98
N LYS A 532 -29.34 7.48 7.22
CA LYS A 532 -30.19 6.35 7.52
C LYS A 532 -29.87 5.17 6.61
N LYS A 533 -29.95 3.97 7.18
CA LYS A 533 -29.53 2.76 6.48
C LYS A 533 -30.35 2.50 5.22
N ALA A 534 -31.62 2.90 5.21
CA ALA A 534 -32.47 2.67 4.04
C ALA A 534 -31.97 3.44 2.84
N ASP A 535 -31.56 4.70 3.04
CA ASP A 535 -31.07 5.55 1.97
C ASP A 535 -29.65 5.21 1.54
N LEU A 536 -29.02 4.22 2.17
CA LEU A 536 -27.60 3.96 1.93
C LEU A 536 -27.37 3.36 0.54
N ARG A 537 -28.21 2.41 0.12
CA ARG A 537 -27.98 1.73 -1.14
C ARG A 537 -28.09 2.68 -2.32
N GLU A 538 -29.11 3.55 -2.32
CA GLU A 538 -29.28 4.49 -3.42
C GLU A 538 -28.18 5.54 -3.40
N ALA A 539 -27.75 5.96 -2.21
CA ALA A 539 -26.72 6.99 -2.11
C ALA A 539 -25.40 6.52 -2.70
N ILE A 540 -24.98 5.31 -2.36
CA ILE A 540 -23.75 4.77 -2.94
C ILE A 540 -23.93 4.54 -4.43
N GLN A 541 -25.12 4.10 -4.85
CA GLN A 541 -25.39 3.95 -6.29
C GLN A 541 -25.33 5.29 -7.00
N THR A 542 -25.83 6.35 -6.36
CA THR A 542 -25.74 7.68 -6.96
C THR A 542 -24.30 8.13 -7.10
N MET A 543 -23.48 7.89 -6.08
CA MET A 543 -22.06 8.24 -6.14
C MET A 543 -21.38 7.57 -7.30
N LEU A 544 -21.63 6.27 -7.49
CA LEU A 544 -20.97 5.53 -8.57
C LEU A 544 -21.47 5.99 -9.94
N ASP A 545 -22.79 6.18 -10.08
CA ASP A 545 -23.35 6.51 -11.39
C ASP A 545 -23.03 7.95 -11.80
N THR A 546 -22.89 8.85 -10.85
CA THR A 546 -22.58 10.24 -11.17
C THR A 546 -21.19 10.34 -11.78
N PRO A 547 -21.06 10.85 -13.01
CA PRO A 547 -19.73 10.93 -13.63
C PRO A 547 -18.83 11.90 -12.89
N GLY A 548 -17.53 11.61 -12.92
CA GLY A 548 -16.55 12.46 -12.28
C GLY A 548 -16.42 12.21 -10.80
N PRO A 549 -15.83 13.17 -10.08
CA PRO A 549 -15.65 13.01 -8.64
C PRO A 549 -16.97 13.10 -7.91
N TYR A 550 -16.96 12.56 -6.69
CA TYR A 550 -18.15 12.52 -5.84
C TYR A 550 -17.72 12.18 -4.42
N LEU A 551 -18.28 12.91 -3.46
CA LEU A 551 -18.04 12.68 -2.04
C LEU A 551 -19.34 12.28 -1.38
N LEU A 552 -19.32 11.18 -0.63
CA LEU A 552 -20.48 10.68 0.08
C LEU A 552 -20.15 10.67 1.57
N ASP A 553 -20.78 11.56 2.33
CA ASP A 553 -20.56 11.67 3.76
C ASP A 553 -21.47 10.66 4.46
N VAL A 554 -20.93 9.47 4.72
CA VAL A 554 -21.67 8.40 5.38
C VAL A 554 -21.47 8.56 6.88
N ILE A 555 -22.55 8.88 7.59
CA ILE A 555 -22.49 9.10 9.04
C ILE A 555 -22.67 7.76 9.75
N CYS A 556 -21.78 7.48 10.69
CA CYS A 556 -21.78 6.23 11.42
C CYS A 556 -21.72 6.50 12.92
N PRO A 557 -22.34 5.65 13.72
CA PRO A 557 -22.21 5.78 15.18
C PRO A 557 -20.76 5.54 15.60
N HIS A 558 -20.26 6.42 16.46
CA HIS A 558 -18.86 6.37 16.85
C HIS A 558 -18.55 5.25 17.84
N GLN A 559 -19.58 4.70 18.51
CA GLN A 559 -19.35 3.66 19.51
C GLN A 559 -18.94 2.32 18.91
N GLU A 560 -18.89 2.20 17.59
CA GLU A 560 -18.52 0.93 16.97
C GLU A 560 -17.05 0.62 17.24
N HIS A 561 -16.75 -0.69 17.37
CA HIS A 561 -15.40 -1.17 17.60
C HIS A 561 -15.01 -2.16 16.52
N VAL A 562 -13.75 -2.10 16.11
CA VAL A 562 -13.22 -3.07 15.15
C VAL A 562 -13.01 -4.40 15.85
N LEU A 563 -13.68 -5.44 15.36
CA LEU A 563 -13.60 -6.77 15.93
C LEU A 563 -13.33 -7.79 14.84
N PRO A 564 -12.61 -8.88 15.17
CA PRO A 564 -12.04 -9.16 16.49
C PRO A 564 -10.75 -8.39 16.74
N MET A 565 -10.21 -8.49 17.95
CA MET A 565 -9.05 -7.72 18.34
C MET A 565 -8.16 -8.54 19.27
N ILE A 566 -6.85 -8.47 19.04
CA ILE A 566 -5.86 -9.06 19.92
C ILE A 566 -5.00 -7.92 20.45
N PRO A 567 -4.94 -7.71 21.78
CA PRO A 567 -4.13 -6.62 22.31
C PRO A 567 -2.66 -6.75 21.92
N SER A 568 -1.96 -5.62 21.94
CA SER A 568 -0.58 -5.56 21.49
C SER A 568 0.29 -6.50 22.31
N GLY A 569 0.90 -7.47 21.65
CA GLY A 569 1.78 -8.41 22.31
C GLY A 569 1.10 -9.61 22.94
N GLY A 570 -0.10 -9.97 22.47
CA GLY A 570 -0.83 -11.07 23.02
C GLY A 570 -0.74 -12.33 22.17
N THR A 571 -1.49 -13.35 22.61
CA THR A 571 -1.55 -14.63 21.92
C THR A 571 -2.95 -14.82 21.33
N PHE A 572 -3.19 -16.00 20.76
CA PHE A 572 -4.50 -16.29 20.20
C PHE A 572 -5.56 -16.44 21.30
N ASN A 573 -5.15 -16.90 22.49
CA ASN A 573 -6.06 -17.04 23.62
C ASN A 573 -6.33 -15.70 24.31
N ASP A 574 -6.08 -14.58 23.64
CA ASP A 574 -6.39 -13.25 24.16
C ASP A 574 -7.29 -12.47 23.21
N VAL A 575 -7.90 -13.13 22.24
CA VAL A 575 -8.69 -12.44 21.22
C VAL A 575 -9.98 -11.91 21.83
N ILE A 576 -10.24 -10.64 21.61
CA ILE A 576 -11.50 -10.02 22.01
C ILE A 576 -12.49 -10.16 20.87
N THR A 577 -13.64 -10.77 21.14
CA THR A 577 -14.60 -11.08 20.10
C THR A 577 -15.88 -10.26 20.16
N GLU A 578 -16.20 -9.65 21.31
CA GLU A 578 -17.40 -8.85 21.44
C GLU A 578 -17.10 -7.60 22.26
N GLY A 579 -18.01 -6.63 22.20
CA GLY A 579 -17.87 -5.42 22.97
C GLY A 579 -17.75 -4.16 22.13
N ASP A 580 -18.28 -3.05 22.64
CA ASP A 580 -18.16 -1.76 21.98
C ASP A 580 -18.08 -0.63 23.00
N GLY A 581 -18.48 0.58 22.60
CA GLY A 581 -18.44 1.71 23.51
C GLY A 581 -19.81 2.17 23.94
N ARG A 582 -20.68 1.24 24.31
CA ARG A 582 -22.04 1.57 24.71
C ARG A 582 -22.34 1.10 26.13
#